data_8PXI
#
_entry.id   8PXI
#
_cell.length_a   45.077
_cell.length_b   73.066
_cell.length_c   51.700
_cell.angle_alpha   90.000
_cell.angle_beta   108.390
_cell.angle_gamma   90.000
#
_symmetry.space_group_name_H-M   'P 1 21 1'
#
loop_
_entity.id
_entity.type
_entity.pdbx_description
1 polymer Endothiapepsin
2 non-polymer (4S)-2-METHYL-2,4-PENTANEDIOL
3 non-polymer 'DIMETHYL SULFOXIDE'
4 non-polymer 4-(2-{[methyl(prop-2-yn-1-yl)amino]methyl}-1,3-thiazol-4-yl)piperidin-4-ol
5 water water
#
_entity_poly.entity_id   1
_entity_poly.type   'polypeptide(L)'
_entity_poly.pdbx_seq_one_letter_code
;STGSATTTPIDSLDDAYITPVQIGTPAQTLNLDFDTGSSDLWVFSSETTASEVDGQTIYTPSKSTTAKLLSGATWSISYG
DGSSSSGDVYTDTVSVGGLTVTGQAVESAKKVSSSFTEDSTIDGLLGLAFSTLNTVSPTQQKTFFDNAKASLDSPVFTAD
LGYHAPGTYNFGFIDTTAYTGSITYTAVSTKQGFWEWTSTGYAVGSGTFKSTSIDGIADTGTTLLYLPATVVSAYWAQVS
GAKSSSSVGGYVFPCSATLPSFTFGVGSARIVIPGDYIDFGPISTGSSSCFGGIQSSAGIGINIFGDVALKAAFVVFNGA
TTPTLGFASK
;
_entity_poly.pdbx_strand_id   A
#
loop_
_chem_comp.id
_chem_comp.type
_chem_comp.name
_chem_comp.formula
D8V non-polymer 4-(2-{[methyl(prop-2-yn-1-yl)amino]methyl}-1,3-thiazol-4-yl)piperidin-4-ol 'C13 H19 N3 O S'
DMS non-polymer 'DIMETHYL SULFOXIDE' 'C2 H6 O S'
MPD non-polymer (4S)-2-METHYL-2,4-PENTANEDIOL 'C6 H14 O2'
#
# COMPACT_ATOMS: atom_id res chain seq x y z
N SER A 1 -8.77 -4.02 22.06
CA SER A 1 -8.58 -5.13 21.14
C SER A 1 -7.33 -4.92 20.29
N THR A 2 -6.85 -6.00 19.66
CA THR A 2 -5.78 -5.95 18.68
C THR A 2 -6.07 -6.94 17.57
N GLY A 3 -5.33 -6.80 16.47
CA GLY A 3 -5.31 -7.79 15.42
C GLY A 3 -3.91 -7.89 14.84
N SER A 4 -3.63 -9.05 14.25
CA SER A 4 -2.34 -9.28 13.61
C SER A 4 -2.54 -10.25 12.46
N ALA A 5 -2.14 -9.84 11.25
CA ALA A 5 -2.29 -10.70 10.08
C ALA A 5 -1.01 -10.68 9.26
N THR A 6 -0.68 -11.83 8.69
CA THR A 6 0.45 -11.92 7.79
C THR A 6 0.08 -11.43 6.40
N THR A 7 0.97 -10.67 5.78
CA THR A 7 0.80 -10.17 4.43
C THR A 7 1.88 -10.80 3.54
N THR A 8 1.50 -11.21 2.33
CA THR A 8 2.36 -12.05 1.51
C THR A 8 2.49 -11.44 0.11
N PRO A 9 3.70 -11.35 -0.45
CA PRO A 9 3.84 -10.84 -1.82
C PRO A 9 3.10 -11.73 -2.80
N ILE A 10 2.48 -11.10 -3.79
CA ILE A 10 1.72 -11.86 -4.78
C ILE A 10 2.59 -12.53 -5.82
N ASP A 11 3.86 -12.11 -5.95
CA ASP A 11 4.75 -12.66 -6.96
C ASP A 11 6.19 -12.47 -6.49
N SER A 12 7.12 -12.94 -7.33
CA SER A 12 8.53 -12.93 -6.98
C SER A 12 9.15 -11.53 -7.02
N LEU A 13 8.40 -10.52 -7.45
CA LEU A 13 8.90 -9.16 -7.54
C LEU A 13 8.39 -8.26 -6.43
N ASP A 14 7.53 -8.76 -5.54
CA ASP A 14 6.86 -7.90 -4.54
C ASP A 14 6.02 -6.83 -5.22
N ASP A 15 5.30 -7.19 -6.29
CA ASP A 15 4.47 -6.21 -6.98
C ASP A 15 3.36 -5.68 -6.08
N ALA A 16 2.83 -6.52 -5.21
CA ALA A 16 1.80 -6.14 -4.25
C ALA A 16 1.79 -7.20 -3.17
N TYR A 17 1.08 -6.93 -2.10
CA TYR A 17 0.98 -7.83 -0.96
C TYR A 17 -0.49 -8.09 -0.68
N ILE A 18 -0.83 -9.34 -0.33
CA ILE A 18 -2.19 -9.72 0.00
C ILE A 18 -2.27 -10.20 1.45
N THR A 19 -3.37 -9.86 2.11
CA THR A 19 -3.62 -10.18 3.49
C THR A 19 -4.99 -10.83 3.58
N PRO A 20 -5.13 -11.97 4.23
CA PRO A 20 -6.44 -12.61 4.33
C PRO A 20 -7.38 -11.82 5.24
N VAL A 21 -8.63 -11.67 4.79
CA VAL A 21 -9.65 -10.90 5.50
C VAL A 21 -10.93 -11.73 5.53
N GLN A 22 -11.50 -11.89 6.72
CA GLN A 22 -12.75 -12.61 6.89
C GLN A 22 -13.92 -11.63 6.78
N ILE A 23 -14.87 -11.93 5.89
CA ILE A 23 -16.04 -11.09 5.66
C ILE A 23 -17.29 -11.96 5.79
N GLY A 24 -18.24 -11.51 6.60
CA GLY A 24 -19.54 -12.14 6.66
C GLY A 24 -19.63 -13.27 7.66
N THR A 25 -20.84 -13.86 7.71
CA THR A 25 -21.15 -14.96 8.60
C THR A 25 -21.93 -16.04 7.85
N PRO A 26 -21.40 -17.26 7.71
CA PRO A 26 -20.05 -17.71 8.10
C PRO A 26 -18.98 -16.94 7.33
N ALA A 27 -17.75 -16.97 7.82
CA ALA A 27 -16.67 -16.19 7.23
C ALA A 27 -16.45 -16.58 5.78
N GLN A 28 -16.27 -15.56 4.95
CA GLN A 28 -15.76 -15.70 3.59
C GLN A 28 -14.41 -15.02 3.56
N THR A 29 -13.35 -15.79 3.35
CA THR A 29 -11.99 -15.26 3.41
C THR A 29 -11.55 -14.83 2.02
N LEU A 30 -11.27 -13.54 1.88
CA LEU A 30 -10.75 -12.97 0.64
C LEU A 30 -9.37 -12.40 0.93
N ASN A 31 -8.51 -12.42 -0.08
CA ASN A 31 -7.15 -11.91 0.03
C ASN A 31 -7.13 -10.49 -0.52
N LEU A 32 -6.98 -9.51 0.36
CA LEU A 32 -7.13 -8.11 -0.03
C LEU A 32 -5.77 -7.40 -0.01
N ASP A 33 -5.67 -6.40 -0.87
CA ASP A 33 -4.49 -5.54 -0.97
C ASP A 33 -4.70 -4.38 -0.02
N PHE A 34 -3.98 -4.39 1.11
CA PHE A 34 -4.08 -3.31 2.10
C PHE A 34 -3.39 -2.08 1.53
N ASP A 35 -4.12 -0.97 1.42
CA ASP A 35 -3.70 0.18 0.62
C ASP A 35 -3.81 1.43 1.48
N THR A 36 -2.67 1.91 2.02
CA THR A 36 -2.69 3.12 2.83
C THR A 36 -2.82 4.40 2.00
N GLY A 37 -2.94 4.29 0.68
CA GLY A 37 -3.20 5.43 -0.19
C GLY A 37 -4.62 5.59 -0.65
N SER A 38 -5.56 4.75 -0.19
CA SER A 38 -6.96 4.90 -0.53
C SER A 38 -7.79 4.48 0.66
N SER A 39 -9.11 4.64 0.54
CA SER A 39 -9.96 4.57 1.72
C SER A 39 -11.25 3.78 1.48
N ASP A 40 -11.25 2.90 0.48
CA ASP A 40 -12.38 2.04 0.18
C ASP A 40 -12.00 0.59 0.42
N LEU A 41 -12.91 -0.14 1.05
CA LEU A 41 -12.81 -1.60 1.16
C LEU A 41 -13.75 -2.13 0.10
N TRP A 42 -13.20 -2.63 -1.00
CA TRP A 42 -14.01 -3.17 -2.07
C TRP A 42 -13.53 -4.55 -2.44
N VAL A 43 -14.47 -5.38 -2.92
CA VAL A 43 -14.19 -6.78 -3.19
C VAL A 43 -14.85 -7.21 -4.50
N PHE A 44 -14.19 -8.12 -5.20
CA PHE A 44 -14.87 -8.95 -6.19
C PHE A 44 -16.03 -9.66 -5.50
N SER A 45 -17.14 -9.81 -6.20
CA SER A 45 -18.35 -10.29 -5.55
C SER A 45 -19.18 -11.08 -6.52
N SER A 46 -20.27 -11.65 -5.99
CA SER A 46 -21.24 -12.33 -6.84
C SER A 46 -21.92 -11.39 -7.82
N GLU A 47 -21.77 -10.08 -7.62
CA GLU A 47 -22.36 -9.06 -8.49
C GLU A 47 -21.38 -8.55 -9.53
N THR A 48 -20.13 -8.99 -9.51
CA THR A 48 -19.17 -8.53 -10.51
C THR A 48 -19.48 -9.17 -11.86
N THR A 49 -19.47 -8.34 -12.89
CA THR A 49 -19.63 -8.79 -14.28
C THR A 49 -18.80 -10.04 -14.52
N ALA A 50 -19.47 -11.11 -14.95
CA ALA A 50 -18.82 -12.42 -15.00
C ALA A 50 -17.56 -12.39 -15.87
N SER A 51 -17.61 -11.67 -17.00
CA SER A 51 -16.46 -11.61 -17.89
C SER A 51 -15.30 -10.81 -17.31
N GLU A 52 -15.49 -10.18 -16.16
CA GLU A 52 -14.43 -9.41 -15.52
C GLU A 52 -13.84 -10.13 -14.29
N VAL A 53 -14.27 -11.36 -14.02
CA VAL A 53 -13.73 -12.18 -12.95
C VAL A 53 -12.92 -13.30 -13.60
N ASP A 54 -11.66 -13.47 -13.14
CA ASP A 54 -10.76 -14.48 -13.69
C ASP A 54 -9.92 -15.06 -12.55
N GLY A 55 -10.53 -15.95 -11.78
CA GLY A 55 -9.82 -16.65 -10.73
C GLY A 55 -9.91 -16.03 -9.35
N GLN A 56 -10.43 -14.82 -9.21
CA GLN A 56 -10.55 -14.22 -7.88
C GLN A 56 -11.58 -14.95 -7.04
N THR A 57 -11.36 -14.91 -5.73
CA THR A 57 -12.38 -15.34 -4.78
C THR A 57 -13.38 -14.20 -4.60
N ILE A 58 -14.67 -14.53 -4.65
CA ILE A 58 -15.72 -13.51 -4.61
C ILE A 58 -16.43 -13.55 -3.27
N TYR A 59 -16.88 -12.36 -2.84
CA TYR A 59 -17.78 -12.20 -1.70
C TYR A 59 -19.21 -12.34 -2.19
N THR A 60 -19.99 -13.19 -1.51
CA THR A 60 -21.39 -13.40 -1.85
C THR A 60 -22.25 -12.94 -0.68
N PRO A 61 -22.75 -11.70 -0.69
CA PRO A 61 -23.50 -11.21 0.46
C PRO A 61 -24.75 -12.02 0.76
N SER A 62 -25.38 -12.63 -0.25
CA SER A 62 -26.60 -13.40 -0.01
C SER A 62 -26.34 -14.62 0.85
N LYS A 63 -25.08 -15.05 0.97
CA LYS A 63 -24.73 -16.18 1.81
C LYS A 63 -24.26 -15.77 3.20
N SER A 64 -24.24 -14.48 3.50
CA SER A 64 -23.83 -13.98 4.80
C SER A 64 -25.06 -13.56 5.60
N THR A 65 -25.24 -14.17 6.78
CA THR A 65 -26.40 -13.83 7.60
C THR A 65 -26.28 -12.45 8.24
N THR A 66 -25.10 -11.84 8.23
CA THR A 66 -24.89 -10.52 8.80
C THR A 66 -24.80 -9.42 7.76
N ALA A 67 -24.85 -9.76 6.48
CA ALA A 67 -24.81 -8.75 5.44
C ALA A 67 -26.11 -7.98 5.39
N LYS A 68 -26.02 -6.67 5.18
CA LYS A 68 -27.17 -5.82 4.98
C LYS A 68 -26.87 -4.88 3.83
N LEU A 69 -27.79 -4.78 2.87
CA LEU A 69 -27.63 -3.80 1.81
C LEU A 69 -27.65 -2.40 2.40
N LEU A 70 -26.66 -1.58 2.02
CA LEU A 70 -26.66 -0.17 2.38
C LEU A 70 -27.42 0.55 1.28
N SER A 71 -28.72 0.76 1.53
CA SER A 71 -29.65 1.11 0.45
C SER A 71 -29.27 2.42 -0.23
N GLY A 72 -29.17 2.38 -1.56
CA GLY A 72 -28.89 3.54 -2.37
C GLY A 72 -27.45 3.98 -2.39
N ALA A 73 -26.56 3.30 -1.68
CA ALA A 73 -25.16 3.68 -1.62
C ALA A 73 -24.43 3.01 -2.78
N THR A 74 -23.68 3.79 -3.53
CA THR A 74 -22.81 3.28 -4.58
C THR A 74 -21.42 3.86 -4.37
N TRP A 75 -20.47 3.29 -5.09
CA TRP A 75 -19.08 3.71 -4.99
C TRP A 75 -18.45 3.61 -6.37
N SER A 76 -17.36 4.36 -6.56
CA SER A 76 -16.67 4.40 -7.84
C SER A 76 -15.33 5.04 -7.58
N ILE A 77 -14.25 4.34 -7.95
CA ILE A 77 -12.91 4.76 -7.57
C ILE A 77 -11.97 4.57 -8.75
N SER A 78 -10.94 5.42 -8.81
CA SER A 78 -9.88 5.34 -9.80
C SER A 78 -8.56 5.46 -9.09
N TYR A 79 -7.56 4.74 -9.57
CA TYR A 79 -6.24 4.72 -8.95
C TYR A 79 -5.21 5.33 -9.89
N GLY A 80 -4.01 5.57 -9.34
CA GLY A 80 -2.97 6.27 -10.07
C GLY A 80 -2.55 5.60 -11.36
N ASP A 81 -2.75 4.29 -11.48
CA ASP A 81 -2.39 3.54 -12.68
C ASP A 81 -3.49 3.54 -13.73
N GLY A 82 -4.57 4.30 -13.52
CA GLY A 82 -5.68 4.31 -14.44
C GLY A 82 -6.68 3.19 -14.26
N SER A 83 -6.49 2.32 -13.26
CA SER A 83 -7.46 1.27 -13.00
C SER A 83 -8.66 1.84 -12.24
N SER A 84 -9.76 1.07 -12.24
CA SER A 84 -10.99 1.56 -11.65
C SER A 84 -11.92 0.41 -11.32
N SER A 85 -12.90 0.69 -10.46
CA SER A 85 -13.94 -0.27 -10.08
C SER A 85 -15.11 0.51 -9.48
N SER A 86 -16.28 -0.15 -9.43
CA SER A 86 -17.51 0.50 -8.96
C SER A 86 -18.56 -0.58 -8.63
N GLY A 87 -19.56 -0.19 -7.85
CA GLY A 87 -20.63 -1.12 -7.53
C GLY A 87 -21.54 -0.60 -6.43
N ASP A 88 -22.19 -1.56 -5.74
CA ASP A 88 -23.11 -1.32 -4.64
C ASP A 88 -22.36 -1.52 -3.31
N VAL A 89 -23.06 -1.30 -2.20
CA VAL A 89 -22.45 -1.32 -0.88
C VAL A 89 -23.30 -2.14 0.07
N TYR A 90 -22.66 -3.01 0.84
CA TYR A 90 -23.27 -3.73 1.94
C TYR A 90 -22.52 -3.35 3.21
N THR A 91 -23.16 -3.55 4.35
CA THR A 91 -22.45 -3.59 5.61
C THR A 91 -22.37 -5.04 6.06
N ASP A 92 -21.26 -5.40 6.68
CA ASP A 92 -21.07 -6.77 7.15
C ASP A 92 -19.98 -6.78 8.20
N THR A 93 -19.82 -7.94 8.82
CA THR A 93 -18.77 -8.13 9.81
C THR A 93 -17.47 -8.43 9.09
N VAL A 94 -16.41 -7.71 9.45
CA VAL A 94 -15.11 -7.86 8.82
C VAL A 94 -14.07 -8.08 9.90
N SER A 95 -13.26 -9.12 9.75
CA SER A 95 -12.21 -9.43 10.72
C SER A 95 -10.87 -9.53 10.02
N VAL A 96 -9.85 -8.97 10.66
CA VAL A 96 -8.47 -9.02 10.18
C VAL A 96 -7.61 -9.53 11.33
N GLY A 97 -7.05 -10.73 11.16
CA GLY A 97 -6.10 -11.21 12.14
C GLY A 97 -6.63 -11.23 13.56
N GLY A 98 -7.91 -11.55 13.73
CA GLY A 98 -8.53 -11.61 15.03
C GLY A 98 -9.25 -10.36 15.49
N LEU A 99 -9.11 -9.25 14.79
CA LEU A 99 -9.76 -7.99 15.12
C LEU A 99 -11.04 -7.87 14.31
N THR A 100 -12.18 -7.68 14.98
CA THR A 100 -13.48 -7.72 14.32
C THR A 100 -14.17 -6.37 14.38
N VAL A 101 -14.67 -5.93 13.22
CA VAL A 101 -15.50 -4.73 13.11
C VAL A 101 -16.87 -5.17 12.59
N THR A 102 -17.93 -4.84 13.32
CA THR A 102 -19.27 -5.06 12.81
C THR A 102 -19.75 -3.82 12.08
N GLY A 103 -20.62 -4.03 11.09
CA GLY A 103 -21.17 -2.91 10.33
C GLY A 103 -20.17 -2.20 9.45
N GLN A 104 -19.12 -2.88 9.03
CA GLN A 104 -18.16 -2.29 8.10
C GLN A 104 -18.77 -2.20 6.70
N ALA A 105 -18.59 -1.05 6.05
CA ALA A 105 -19.00 -0.93 4.66
C ALA A 105 -18.11 -1.80 3.79
N VAL A 106 -18.73 -2.75 3.07
CA VAL A 106 -18.05 -3.65 2.16
C VAL A 106 -18.59 -3.32 0.78
N GLU A 107 -17.73 -2.76 -0.06
CA GLU A 107 -18.15 -2.25 -1.36
C GLU A 107 -18.03 -3.37 -2.38
N SER A 108 -19.17 -3.80 -2.92
CA SER A 108 -19.23 -4.94 -3.81
C SER A 108 -19.07 -4.45 -5.25
N ALA A 109 -18.08 -4.99 -5.95
CA ALA A 109 -17.81 -4.52 -7.31
C ALA A 109 -18.83 -5.09 -8.28
N LYS A 110 -19.49 -4.20 -9.03
CA LYS A 110 -20.21 -4.62 -10.22
C LYS A 110 -19.32 -4.58 -11.45
N LYS A 111 -18.35 -3.67 -11.50
CA LYS A 111 -17.41 -3.54 -12.60
C LYS A 111 -16.01 -3.36 -12.05
N VAL A 112 -15.04 -3.99 -12.71
CA VAL A 112 -13.62 -3.76 -12.45
C VAL A 112 -12.90 -3.57 -13.78
N SER A 113 -11.84 -2.77 -13.75
CA SER A 113 -11.07 -2.57 -14.97
C SER A 113 -10.13 -3.75 -15.21
N SER A 114 -9.46 -3.73 -16.36
CA SER A 114 -8.76 -4.92 -16.84
C SER A 114 -7.61 -5.33 -15.91
N SER A 115 -6.91 -4.35 -15.33
N SER A 115 -6.90 -4.36 -15.33
CA SER A 115 -5.77 -4.70 -14.49
CA SER A 115 -5.77 -4.68 -14.48
C SER A 115 -6.18 -5.48 -13.25
C SER A 115 -6.19 -5.48 -13.25
N PHE A 116 -7.40 -5.24 -12.74
CA PHE A 116 -7.89 -6.03 -11.62
C PHE A 116 -8.29 -7.44 -12.06
N THR A 117 -9.00 -7.54 -13.19
CA THR A 117 -9.36 -8.86 -13.72
C THR A 117 -8.12 -9.71 -13.93
N GLU A 118 -7.06 -9.11 -14.49
CA GLU A 118 -5.86 -9.84 -14.87
C GLU A 118 -5.04 -10.31 -13.68
N ASP A 119 -5.30 -9.78 -12.48
CA ASP A 119 -4.55 -10.16 -11.28
C ASP A 119 -5.43 -11.10 -10.47
N SER A 120 -5.30 -12.41 -10.75
N SER A 120 -5.30 -12.41 -10.75
CA SER A 120 -6.12 -13.42 -10.11
CA SER A 120 -6.11 -13.43 -10.11
C SER A 120 -5.84 -13.56 -8.61
C SER A 120 -5.82 -13.58 -8.62
N THR A 121 -4.75 -12.97 -8.11
CA THR A 121 -4.36 -13.14 -6.71
C THR A 121 -4.95 -12.11 -5.78
N ILE A 122 -5.49 -11.00 -6.30
CA ILE A 122 -5.98 -9.92 -5.47
C ILE A 122 -7.50 -9.89 -5.59
N ASP A 123 -8.18 -10.16 -4.48
CA ASP A 123 -9.64 -10.25 -4.43
C ASP A 123 -10.30 -8.91 -4.13
N GLY A 124 -9.53 -7.87 -3.93
CA GLY A 124 -10.07 -6.55 -3.61
C GLY A 124 -9.04 -5.76 -2.85
N LEU A 125 -9.45 -4.57 -2.42
CA LEU A 125 -8.58 -3.67 -1.68
C LEU A 125 -9.19 -3.36 -0.33
N LEU A 126 -8.33 -3.12 0.66
CA LEU A 126 -8.75 -2.64 1.97
C LEU A 126 -8.03 -1.32 2.21
N GLY A 127 -8.76 -0.22 2.07
CA GLY A 127 -8.16 1.11 2.18
C GLY A 127 -7.88 1.50 3.62
N LEU A 128 -6.71 2.13 3.82
CA LEU A 128 -6.26 2.54 5.15
C LEU A 128 -5.81 3.99 5.18
N ALA A 129 -6.09 4.77 4.15
CA ALA A 129 -5.94 6.22 4.21
C ALA A 129 -7.08 6.80 5.04
N PHE A 130 -7.20 8.13 5.06
CA PHE A 130 -8.21 8.75 5.90
C PHE A 130 -9.58 8.67 5.24
N SER A 131 -10.62 8.57 6.09
CA SER A 131 -11.96 8.26 5.58
C SER A 131 -12.52 9.38 4.70
N THR A 132 -11.94 10.58 4.76
CA THR A 132 -12.35 11.66 3.88
C THR A 132 -12.16 11.34 2.41
N LEU A 133 -11.37 10.31 2.07
CA LEU A 133 -11.19 9.90 0.69
C LEU A 133 -12.16 8.81 0.26
N ASN A 134 -12.98 8.29 1.17
CA ASN A 134 -13.86 7.18 0.80
C ASN A 134 -14.88 7.65 -0.25
N THR A 135 -15.13 6.81 -1.25
CA THR A 135 -15.92 7.24 -2.40
C THR A 135 -17.40 6.90 -2.31
N VAL A 136 -17.86 6.30 -1.21
CA VAL A 136 -19.26 5.90 -1.13
C VAL A 136 -20.15 7.13 -1.13
N SER A 137 -21.18 7.12 -1.97
CA SER A 137 -22.15 8.19 -2.12
C SER A 137 -23.55 7.61 -1.97
N PRO A 138 -24.49 8.34 -1.37
CA PRO A 138 -24.37 9.72 -0.87
C PRO A 138 -23.86 9.83 0.57
N THR A 139 -23.64 8.71 1.26
CA THR A 139 -23.20 8.73 2.66
C THR A 139 -21.80 8.14 2.72
N GLN A 140 -20.80 8.99 2.90
CA GLN A 140 -19.41 8.54 2.94
C GLN A 140 -19.21 7.58 4.11
N GLN A 141 -18.37 6.56 3.90
CA GLN A 141 -18.17 5.48 4.85
C GLN A 141 -16.77 5.52 5.45
N LYS A 142 -16.64 4.92 6.63
CA LYS A 142 -15.38 4.87 7.36
C LYS A 142 -14.55 3.66 6.95
N THR A 143 -13.23 3.82 7.01
CA THR A 143 -12.35 2.68 6.76
C THR A 143 -12.43 1.69 7.92
N PHE A 144 -11.92 0.49 7.65
CA PHE A 144 -11.82 -0.53 8.68
C PHE A 144 -11.06 -0.02 9.89
N PHE A 145 -9.95 0.69 9.66
CA PHE A 145 -9.16 1.23 10.77
C PHE A 145 -9.96 2.27 11.56
N ASP A 146 -10.62 3.18 10.84
CA ASP A 146 -11.43 4.20 11.50
C ASP A 146 -12.51 3.56 12.35
N ASN A 147 -13.18 2.53 11.83
CA ASN A 147 -14.23 1.87 12.60
C ASN A 147 -13.66 1.14 13.80
N ALA A 148 -12.47 0.56 13.67
CA ALA A 148 -11.87 -0.22 14.75
C ALA A 148 -11.25 0.66 15.83
N LYS A 149 -10.97 1.91 15.51
CA LYS A 149 -10.08 2.74 16.33
C LYS A 149 -10.51 2.76 17.79
N ALA A 150 -11.79 3.01 18.04
CA ALA A 150 -12.25 3.20 19.42
C ALA A 150 -12.07 1.94 20.25
N SER A 151 -12.09 0.76 19.62
N SER A 151 -12.10 0.76 19.62
CA SER A 151 -11.94 -0.49 20.34
CA SER A 151 -11.94 -0.50 20.34
C SER A 151 -10.49 -0.92 20.50
C SER A 151 -10.49 -0.92 20.50
N LEU A 152 -9.59 -0.42 19.66
CA LEU A 152 -8.20 -0.82 19.72
C LEU A 152 -7.54 -0.38 21.02
N ASP A 153 -6.57 -1.18 21.47
CA ASP A 153 -5.81 -0.80 22.67
C ASP A 153 -5.13 0.53 22.48
N SER A 154 -4.62 0.79 21.27
CA SER A 154 -3.98 2.03 20.89
C SER A 154 -4.43 2.32 19.46
N PRO A 155 -4.71 3.58 19.12
CA PRO A 155 -5.29 3.89 17.80
C PRO A 155 -4.23 3.93 16.70
N VAL A 156 -3.64 2.76 16.41
CA VAL A 156 -2.50 2.66 15.50
C VAL A 156 -2.63 1.39 14.69
N PHE A 157 -1.98 1.38 13.53
CA PHE A 157 -1.66 0.13 12.85
C PHE A 157 -0.23 0.23 12.33
N THR A 158 0.38 -0.92 12.10
CA THR A 158 1.78 -0.94 11.65
C THR A 158 1.90 -1.82 10.40
N ALA A 159 2.79 -1.40 9.51
CA ALA A 159 3.12 -2.15 8.31
C ALA A 159 4.58 -2.61 8.41
N ASP A 160 4.78 -3.91 8.29
CA ASP A 160 6.11 -4.53 8.33
C ASP A 160 6.17 -5.44 7.11
N LEU A 161 6.39 -4.84 5.94
CA LEU A 161 6.39 -5.58 4.68
C LEU A 161 7.72 -6.30 4.50
N GLY A 162 7.67 -7.53 3.99
CA GLY A 162 8.87 -8.29 3.75
C GLY A 162 9.47 -8.04 2.39
N TYR A 163 10.75 -8.37 2.26
CA TYR A 163 11.46 -8.33 1.00
C TYR A 163 11.47 -9.74 0.43
N HIS A 164 10.72 -9.96 -0.65
CA HIS A 164 10.57 -11.29 -1.24
C HIS A 164 10.20 -12.32 -0.17
N ALA A 165 9.35 -11.91 0.77
CA ALA A 165 9.04 -12.72 1.94
C ALA A 165 7.79 -12.13 2.60
N PRO A 166 7.08 -12.91 3.37
CA PRO A 166 5.89 -12.38 4.05
C PRO A 166 6.28 -11.37 5.13
N GLY A 167 5.28 -10.59 5.52
CA GLY A 167 5.41 -9.63 6.59
C GLY A 167 4.13 -9.56 7.39
N THR A 168 3.89 -8.45 8.08
CA THR A 168 2.83 -8.39 9.07
C THR A 168 2.17 -7.02 9.08
N TYR A 169 0.83 -7.02 9.15
CA TYR A 169 0.05 -5.85 9.54
C TYR A 169 -0.48 -6.09 10.94
N ASN A 170 -0.19 -5.17 11.86
CA ASN A 170 -0.72 -5.24 13.21
C ASN A 170 -1.65 -4.06 13.45
N PHE A 171 -2.70 -4.28 14.21
CA PHE A 171 -3.67 -3.25 14.58
C PHE A 171 -3.74 -3.15 16.10
N GLY A 172 -3.59 -1.93 16.60
CA GLY A 172 -3.81 -1.65 18.01
C GLY A 172 -2.62 -1.79 18.92
N PHE A 173 -1.46 -2.17 18.40
CA PHE A 173 -0.27 -2.31 19.25
C PHE A 173 0.97 -2.19 18.39
N ILE A 174 2.07 -1.85 19.06
CA ILE A 174 3.38 -1.74 18.42
C ILE A 174 4.25 -2.88 18.93
N ASP A 175 4.67 -3.76 18.02
CA ASP A 175 5.51 -4.91 18.37
C ASP A 175 6.94 -4.43 18.51
N THR A 176 7.39 -4.23 19.76
CA THR A 176 8.72 -3.68 20.00
C THR A 176 9.84 -4.66 19.70
N THR A 177 9.54 -5.90 19.35
CA THR A 177 10.56 -6.84 18.91
C THR A 177 10.77 -6.84 17.40
N ALA A 178 9.98 -6.05 16.65
CA ALA A 178 9.95 -6.14 15.20
C ALA A 178 10.90 -5.17 14.50
N TYR A 179 11.64 -4.36 15.25
CA TYR A 179 12.50 -3.35 14.63
C TYR A 179 13.73 -3.16 15.49
N THR A 180 14.76 -2.58 14.89
CA THR A 180 15.97 -2.21 15.62
C THR A 180 15.93 -0.72 15.96
N GLY A 181 16.72 -0.36 16.96
CA GLY A 181 16.77 1.04 17.35
C GLY A 181 15.41 1.54 17.82
N SER A 182 15.17 2.82 17.56
CA SER A 182 13.94 3.48 17.98
CA SER A 182 13.94 3.47 17.98
C SER A 182 13.10 3.87 16.77
N ILE A 183 11.83 4.15 17.03
CA ILE A 183 10.91 4.63 16.00
C ILE A 183 10.98 6.14 16.00
N THR A 184 11.31 6.73 14.85
CA THR A 184 11.26 8.17 14.71
C THR A 184 9.91 8.57 14.14
N TYR A 185 9.17 9.38 14.88
CA TYR A 185 7.86 9.84 14.46
C TYR A 185 7.98 11.20 13.78
N THR A 186 7.14 11.41 12.77
CA THR A 186 7.19 12.61 11.96
C THR A 186 5.77 13.08 11.68
N ALA A 187 5.61 14.38 11.48
CA ALA A 187 4.28 14.96 11.36
C ALA A 187 3.58 14.52 10.07
N VAL A 188 2.26 14.44 10.13
CA VAL A 188 1.41 14.06 9.02
C VAL A 188 0.44 15.20 8.73
N SER A 189 0.26 15.48 7.44
CA SER A 189 -0.84 16.32 6.98
C SER A 189 -1.94 15.43 6.40
N THR A 190 -3.17 15.59 6.88
CA THR A 190 -4.32 14.89 6.36
C THR A 190 -5.09 15.71 5.33
N LYS A 191 -4.55 16.85 4.88
CA LYS A 191 -5.32 17.77 4.06
C LYS A 191 -5.73 17.18 2.72
N GLN A 192 -4.95 16.23 2.19
CA GLN A 192 -5.31 15.54 0.96
C GLN A 192 -5.85 14.14 1.20
N GLY A 193 -6.08 13.77 2.46
CA GLY A 193 -6.61 12.46 2.80
C GLY A 193 -5.58 11.36 2.90
N PHE A 194 -4.31 11.65 2.68
CA PHE A 194 -3.25 10.66 2.67
C PHE A 194 -2.44 10.73 3.96
N TRP A 195 -1.62 9.70 4.18
CA TRP A 195 -0.57 9.73 5.18
C TRP A 195 0.61 10.48 4.57
N GLU A 196 0.48 11.81 4.56
CA GLU A 196 1.39 12.70 3.85
C GLU A 196 2.37 13.31 4.84
N TRP A 197 3.66 13.25 4.52
CA TRP A 197 4.72 13.62 5.44
C TRP A 197 5.86 14.25 4.63
N THR A 198 6.91 14.67 5.33
CA THR A 198 8.06 15.31 4.69
C THR A 198 9.34 14.62 5.09
N SER A 199 9.96 13.93 4.13
CA SER A 199 11.29 13.38 4.36
C SER A 199 12.33 14.52 4.40
N THR A 200 13.37 14.31 5.20
CA THR A 200 14.42 15.31 5.41
C THR A 200 15.58 15.22 4.44
N GLY A 201 15.59 14.24 3.55
CA GLY A 201 16.60 14.24 2.49
C GLY A 201 16.94 12.82 2.07
N TYR A 202 18.11 12.68 1.43
CA TYR A 202 18.45 11.38 0.86
C TYR A 202 19.96 11.25 0.70
N ALA A 203 20.38 10.00 0.50
CA ALA A 203 21.74 9.69 0.07
C ALA A 203 21.68 8.53 -0.91
N VAL A 204 22.68 8.46 -1.79
CA VAL A 204 22.81 7.37 -2.75
C VAL A 204 24.05 6.56 -2.36
N GLY A 205 23.85 5.26 -2.14
CA GLY A 205 24.96 4.39 -1.79
C GLY A 205 25.69 4.89 -0.55
N SER A 206 27.02 4.93 -0.65
CA SER A 206 27.89 5.39 0.43
C SER A 206 28.08 6.90 0.42
N GLY A 207 27.33 7.63 -0.39
CA GLY A 207 27.51 9.06 -0.48
C GLY A 207 27.01 9.81 0.74
N THR A 208 27.40 11.08 0.81
CA THR A 208 26.96 11.91 1.91
C THR A 208 25.46 12.21 1.78
N PHE A 209 24.87 12.64 2.88
CA PHE A 209 23.43 12.89 2.93
C PHE A 209 23.14 14.30 2.42
N LYS A 210 22.13 14.41 1.56
CA LYS A 210 21.67 15.69 1.04
C LYS A 210 20.41 16.09 1.81
N SER A 211 20.53 17.15 2.62
CA SER A 211 19.39 17.66 3.38
C SER A 211 18.49 18.49 2.48
N THR A 212 17.25 18.03 2.31
CA THR A 212 16.26 18.69 1.46
C THR A 212 14.90 18.10 1.79
N SER A 213 13.88 18.95 1.77
CA SER A 213 12.54 18.51 2.14
C SER A 213 11.86 17.84 0.96
N ILE A 214 11.34 16.63 1.18
CA ILE A 214 10.64 15.88 0.15
C ILE A 214 9.28 15.49 0.71
N ASP A 215 8.24 16.23 0.34
CA ASP A 215 6.88 15.86 0.74
C ASP A 215 6.44 14.63 -0.04
N GLY A 216 5.71 13.74 0.61
CA GLY A 216 5.21 12.58 -0.09
C GLY A 216 4.27 11.80 0.79
N ILE A 217 3.74 10.70 0.24
CA ILE A 217 2.75 9.90 0.94
C ILE A 217 3.30 8.49 1.18
N ALA A 218 2.96 7.92 2.34
CA ALA A 218 3.27 6.53 2.63
C ALA A 218 2.15 5.67 2.08
N ASP A 219 2.43 4.89 1.04
CA ASP A 219 1.39 4.17 0.30
C ASP A 219 1.78 2.71 0.09
N THR A 220 1.25 1.83 0.94
CA THR A 220 1.49 0.41 0.79
C THR A 220 0.88 -0.16 -0.49
N GLY A 221 -0.05 0.56 -1.12
CA GLY A 221 -0.68 0.14 -2.36
C GLY A 221 0.05 0.54 -3.62
N THR A 222 1.21 1.17 -3.51
CA THR A 222 2.06 1.49 -4.65
C THR A 222 3.33 0.68 -4.54
N THR A 223 3.75 0.06 -5.65
CA THR A 223 4.88 -0.86 -5.62
C THR A 223 6.19 -0.13 -5.41
N LEU A 224 6.40 0.97 -6.13
CA LEU A 224 7.72 1.57 -6.29
C LEU A 224 7.83 2.83 -5.45
N LEU A 225 9.03 3.43 -5.50
CA LEU A 225 9.34 4.68 -4.83
C LEU A 225 9.41 5.76 -5.90
N TYR A 226 8.49 6.72 -5.83
CA TYR A 226 8.41 7.80 -6.81
C TYR A 226 8.87 9.10 -6.15
N LEU A 227 9.93 9.69 -6.68
CA LEU A 227 10.59 10.84 -6.10
C LEU A 227 10.86 11.88 -7.17
N PRO A 228 11.23 13.10 -6.79
CA PRO A 228 11.45 14.15 -7.80
C PRO A 228 12.54 13.76 -8.80
N ALA A 229 12.39 14.25 -10.03
CA ALA A 229 13.29 13.88 -11.12
C ALA A 229 14.75 14.15 -10.79
N THR A 230 15.02 15.22 -10.03
CA THR A 230 16.41 15.53 -9.64
C THR A 230 16.99 14.40 -8.81
N VAL A 231 16.24 13.94 -7.80
CA VAL A 231 16.72 12.88 -6.92
C VAL A 231 16.89 11.58 -7.70
N VAL A 232 15.92 11.26 -8.54
CA VAL A 232 15.95 10.00 -9.28
C VAL A 232 17.09 9.99 -10.28
N SER A 233 17.37 11.13 -10.92
CA SER A 233 18.51 11.20 -11.83
C SER A 233 19.82 11.02 -11.09
N ALA A 234 19.94 11.62 -9.90
CA ALA A 234 21.16 11.46 -9.12
C ALA A 234 21.37 10.01 -8.72
N TYR A 235 20.29 9.28 -8.45
CA TYR A 235 20.43 7.87 -8.12
C TYR A 235 20.92 7.07 -9.34
N TRP A 236 20.18 7.15 -10.45
CA TRP A 236 20.49 6.29 -11.60
C TRP A 236 21.79 6.66 -12.28
N ALA A 237 22.28 7.89 -12.10
CA ALA A 237 23.57 8.26 -12.64
C ALA A 237 24.71 7.44 -12.04
N GLN A 238 24.48 6.79 -10.90
CA GLN A 238 25.49 5.94 -10.30
C GLN A 238 25.50 4.52 -10.86
N VAL A 239 24.61 4.19 -11.78
CA VAL A 239 24.47 2.83 -12.31
C VAL A 239 24.85 2.87 -13.78
N SER A 240 25.97 2.21 -14.11
N SER A 240 25.96 2.21 -14.12
CA SER A 240 26.45 2.22 -15.49
CA SER A 240 26.45 2.25 -15.49
C SER A 240 25.39 1.64 -16.42
C SER A 240 25.44 1.62 -16.44
N GLY A 241 25.06 2.39 -17.48
CA GLY A 241 24.09 1.94 -18.45
C GLY A 241 22.65 2.23 -18.11
N ALA A 242 22.36 2.79 -16.94
CA ALA A 242 20.98 3.10 -16.61
C ALA A 242 20.52 4.32 -17.40
N LYS A 243 19.24 4.31 -17.76
CA LYS A 243 18.68 5.42 -18.52
C LYS A 243 17.17 5.39 -18.39
N SER A 244 16.55 6.55 -18.62
CA SER A 244 15.10 6.61 -18.69
C SER A 244 14.64 6.26 -20.08
N SER A 245 13.73 5.29 -20.17
CA SER A 245 13.20 4.80 -21.44
C SER A 245 11.75 5.24 -21.58
N SER A 246 11.47 6.07 -22.58
CA SER A 246 10.09 6.47 -22.83
C SER A 246 9.25 5.28 -23.27
N SER A 247 9.83 4.34 -24.01
CA SER A 247 9.06 3.19 -24.46
C SER A 247 8.69 2.28 -23.30
N VAL A 248 9.61 2.07 -22.36
CA VAL A 248 9.30 1.24 -21.20
C VAL A 248 8.45 2.01 -20.19
N GLY A 249 8.64 3.31 -20.08
CA GLY A 249 7.92 4.11 -19.12
C GLY A 249 8.66 4.40 -17.85
N GLY A 250 9.99 4.38 -17.87
CA GLY A 250 10.76 4.74 -16.70
C GLY A 250 12.20 4.34 -16.86
N TYR A 251 12.93 4.47 -15.76
CA TYR A 251 14.34 4.10 -15.72
C TYR A 251 14.49 2.59 -15.78
N VAL A 252 15.41 2.16 -16.64
CA VAL A 252 15.83 0.78 -16.78
C VAL A 252 17.34 0.75 -16.61
N PHE A 253 17.87 -0.44 -16.33
CA PHE A 253 19.29 -0.60 -16.09
C PHE A 253 19.70 -1.99 -16.51
N PRO A 254 20.99 -2.22 -16.75
CA PRO A 254 21.43 -3.56 -17.16
C PRO A 254 21.20 -4.56 -16.04
N CYS A 255 20.61 -5.71 -16.38
CA CYS A 255 20.34 -6.71 -15.35
C CYS A 255 21.61 -7.23 -14.70
N SER A 256 22.76 -7.06 -15.36
CA SER A 256 24.05 -7.45 -14.81
C SER A 256 24.54 -6.52 -13.70
N ALA A 257 23.86 -5.39 -13.46
CA ALA A 257 24.33 -4.41 -12.50
C ALA A 257 23.95 -4.79 -11.07
N THR A 258 24.84 -4.48 -10.14
CA THR A 258 24.53 -4.44 -8.71
C THR A 258 24.23 -2.99 -8.35
N LEU A 259 23.08 -2.77 -7.69
CA LEU A 259 22.56 -1.42 -7.48
C LEU A 259 23.05 -0.86 -6.15
N PRO A 260 23.28 0.44 -6.09
CA PRO A 260 23.58 1.09 -4.81
C PRO A 260 22.33 1.21 -3.95
N SER A 261 22.56 1.30 -2.64
CA SER A 261 21.46 1.54 -1.73
C SER A 261 20.91 2.97 -1.92
N PHE A 262 19.75 3.20 -1.31
CA PHE A 262 19.16 4.54 -1.29
C PHE A 262 18.67 4.81 0.12
N THR A 263 19.10 5.93 0.68
CA THR A 263 18.75 6.31 2.04
C THR A 263 17.78 7.48 2.00
N PHE A 264 16.71 7.41 2.80
CA PHE A 264 15.84 8.56 2.99
C PHE A 264 15.80 8.97 4.46
N GLY A 265 15.64 10.27 4.67
CA GLY A 265 15.63 10.82 6.02
C GLY A 265 14.23 10.84 6.62
N VAL A 266 14.18 10.50 7.90
CA VAL A 266 12.99 10.66 8.72
C VAL A 266 13.45 11.46 9.93
N GLY A 267 13.13 12.75 9.96
CA GLY A 267 13.73 13.61 10.97
C GLY A 267 15.24 13.50 10.90
N SER A 268 15.87 13.29 12.04
CA SER A 268 17.32 13.10 12.08
C SER A 268 17.74 11.66 11.83
N ALA A 269 16.78 10.76 11.67
CA ALA A 269 17.07 9.34 11.47
C ALA A 269 17.13 9.02 9.98
N ARG A 270 17.59 7.81 9.67
CA ARG A 270 17.83 7.40 8.29
C ARG A 270 17.31 5.99 8.08
N ILE A 271 16.59 5.78 6.97
CA ILE A 271 16.18 4.46 6.54
C ILE A 271 16.96 4.12 5.28
N VAL A 272 17.65 2.98 5.29
CA VAL A 272 18.50 2.57 4.17
C VAL A 272 17.80 1.45 3.40
N ILE A 273 17.48 1.73 2.14
CA ILE A 273 16.90 0.73 1.24
C ILE A 273 18.07 0.01 0.56
N PRO A 274 18.27 -1.28 0.80
CA PRO A 274 19.37 -1.98 0.12
C PRO A 274 19.19 -1.96 -1.39
N GLY A 275 20.31 -1.92 -2.11
CA GLY A 275 20.25 -1.83 -3.55
C GLY A 275 19.40 -2.91 -4.19
N ASP A 276 19.46 -4.14 -3.66
CA ASP A 276 18.71 -5.23 -4.26
C ASP A 276 17.21 -4.95 -4.25
N TYR A 277 16.73 -4.16 -3.28
CA TYR A 277 15.30 -3.87 -3.22
C TYR A 277 14.84 -3.02 -4.39
N ILE A 278 15.79 -2.40 -5.11
CA ILE A 278 15.48 -1.49 -6.21
C ILE A 278 15.46 -2.22 -7.55
N ASP A 279 15.73 -3.51 -7.56
CA ASP A 279 15.80 -4.30 -8.78
C ASP A 279 14.44 -4.97 -8.98
N PHE A 280 13.74 -4.60 -10.04
CA PHE A 280 12.45 -5.20 -10.37
C PHE A 280 12.50 -6.14 -11.56
N GLY A 281 13.69 -6.60 -11.94
CA GLY A 281 13.83 -7.69 -12.84
C GLY A 281 13.64 -7.30 -14.29
N PRO A 282 13.77 -8.28 -15.17
CA PRO A 282 13.74 -8.01 -16.62
C PRO A 282 12.44 -7.37 -17.06
N ILE A 283 12.54 -6.42 -18.00
CA ILE A 283 11.35 -5.73 -18.47
C ILE A 283 10.39 -6.70 -19.15
N SER A 284 10.94 -7.73 -19.78
CA SER A 284 10.20 -8.84 -20.35
C SER A 284 11.06 -10.08 -20.15
N THR A 285 10.43 -11.25 -20.19
CA THR A 285 11.16 -12.47 -19.90
C THR A 285 12.35 -12.62 -20.84
N GLY A 286 13.52 -12.91 -20.26
CA GLY A 286 14.73 -13.07 -21.03
C GLY A 286 15.46 -11.79 -21.36
N SER A 287 14.87 -10.64 -21.11
CA SER A 287 15.52 -9.37 -21.43
C SER A 287 16.69 -9.14 -20.50
N SER A 288 17.73 -8.51 -21.03
CA SER A 288 18.84 -8.08 -20.19
C SER A 288 18.66 -6.67 -19.65
N SER A 289 17.55 -6.01 -19.95
CA SER A 289 17.23 -4.72 -19.37
C SER A 289 16.24 -4.94 -18.24
N CYS A 290 16.55 -4.35 -17.09
CA CYS A 290 15.78 -4.57 -15.86
C CYS A 290 15.09 -3.26 -15.46
N PHE A 291 13.95 -3.37 -14.79
CA PHE A 291 13.18 -2.19 -14.42
C PHE A 291 13.59 -1.69 -13.04
N GLY A 292 13.77 -0.37 -12.92
CA GLY A 292 14.20 0.20 -11.65
C GLY A 292 13.05 0.42 -10.68
N GLY A 293 13.39 0.30 -9.39
CA GLY A 293 12.40 0.48 -8.33
C GLY A 293 12.25 1.89 -7.82
N ILE A 294 13.09 2.80 -8.29
CA ILE A 294 13.01 4.23 -7.99
C ILE A 294 12.71 4.92 -9.31
N GLN A 295 11.62 5.67 -9.36
CA GLN A 295 11.12 6.28 -10.59
C GLN A 295 10.71 7.72 -10.31
N SER A 296 10.64 8.52 -11.37
CA SER A 296 10.29 9.92 -11.23
C SER A 296 8.81 10.10 -10.94
N SER A 297 8.50 11.01 -10.02
CA SER A 297 7.15 11.42 -9.71
C SER A 297 6.67 12.58 -10.58
N ALA A 298 7.48 13.03 -11.54
CA ALA A 298 7.20 14.28 -12.24
C ALA A 298 5.85 14.25 -12.95
N GLY A 299 5.45 13.10 -13.47
CA GLY A 299 4.19 13.03 -14.17
C GLY A 299 2.96 12.79 -13.31
N ILE A 300 3.11 12.59 -12.00
CA ILE A 300 1.99 12.22 -11.15
C ILE A 300 1.57 13.31 -10.16
N GLY A 301 2.43 14.28 -9.86
CA GLY A 301 2.04 15.41 -9.03
C GLY A 301 2.25 15.21 -7.54
N ILE A 302 2.75 14.06 -7.12
CA ILE A 302 2.99 13.80 -5.71
C ILE A 302 4.06 12.73 -5.62
N ASN A 303 4.92 12.84 -4.61
CA ASN A 303 5.91 11.81 -4.35
C ASN A 303 5.26 10.68 -3.55
N ILE A 304 5.64 9.44 -3.87
CA ILE A 304 5.02 8.28 -3.25
C ILE A 304 6.10 7.37 -2.66
N PHE A 305 6.08 7.23 -1.33
CA PHE A 305 6.91 6.25 -0.64
C PHE A 305 6.12 4.95 -0.66
N GLY A 306 6.27 4.19 -1.75
CA GLY A 306 5.60 2.91 -1.92
C GLY A 306 6.38 1.78 -1.29
N ASP A 307 6.04 0.55 -1.71
CA ASP A 307 6.55 -0.64 -1.03
C ASP A 307 8.07 -0.69 -1.01
N VAL A 308 8.72 -0.25 -2.10
CA VAL A 308 10.18 -0.24 -2.16
C VAL A 308 10.77 0.45 -0.93
N ALA A 309 10.20 1.59 -0.54
CA ALA A 309 10.70 2.31 0.63
C ALA A 309 10.16 1.69 1.92
N LEU A 310 8.85 1.41 1.97
CA LEU A 310 8.25 1.00 3.23
C LEU A 310 8.75 -0.37 3.68
N LYS A 311 9.08 -1.26 2.74
CA LYS A 311 9.53 -2.58 3.16
C LYS A 311 10.93 -2.56 3.76
N ALA A 312 11.67 -1.46 3.64
CA ALA A 312 12.93 -1.32 4.34
C ALA A 312 12.75 -0.88 5.77
N ALA A 313 11.52 -0.69 6.24
CA ALA A 313 11.27 -0.09 7.54
C ALA A 313 10.13 -0.82 8.24
N PHE A 314 10.10 -0.63 9.56
CA PHE A 314 8.89 -0.86 10.35
C PHE A 314 8.16 0.47 10.43
N VAL A 315 6.91 0.50 9.97
CA VAL A 315 6.21 1.76 9.77
C VAL A 315 4.96 1.79 10.65
N VAL A 316 4.84 2.85 11.44
CA VAL A 316 3.71 3.05 12.33
C VAL A 316 2.79 4.11 11.74
N PHE A 317 1.53 3.75 11.55
CA PHE A 317 0.49 4.66 11.13
C PHE A 317 -0.30 5.01 12.39
N ASN A 318 0.02 6.15 12.97
CA ASN A 318 -0.53 6.54 14.26
C ASN A 318 -1.77 7.39 14.02
N GLY A 319 -2.93 6.84 14.34
CA GLY A 319 -4.20 7.51 14.12
C GLY A 319 -4.74 8.20 15.36
N ALA A 320 -3.85 8.69 16.21
CA ALA A 320 -4.24 9.52 17.32
C ALA A 320 -4.92 10.80 16.79
N THR A 321 -5.44 11.60 17.73
CA THR A 321 -6.17 12.81 17.34
C THR A 321 -5.35 13.68 16.40
N THR A 322 -4.05 13.81 16.65
CA THR A 322 -3.12 14.38 15.70
C THR A 322 -2.33 13.22 15.10
N PRO A 323 -2.65 12.76 13.90
CA PRO A 323 -1.95 11.60 13.35
C PRO A 323 -0.48 11.89 13.07
N THR A 324 0.34 10.84 13.19
CA THR A 324 1.76 10.90 12.87
C THR A 324 2.16 9.59 12.22
N LEU A 325 3.34 9.61 11.60
N LEU A 325 3.39 9.57 11.69
CA LEU A 325 3.96 8.43 11.01
CA LEU A 325 3.94 8.43 10.98
C LEU A 325 5.25 8.14 11.75
C LEU A 325 5.30 8.11 11.58
N GLY A 326 5.50 6.88 12.00
CA GLY A 326 6.76 6.44 12.61
C GLY A 326 7.51 5.49 11.70
N PHE A 327 8.84 5.63 11.68
CA PHE A 327 9.71 4.74 10.91
C PHE A 327 10.83 4.25 11.80
N ALA A 328 11.07 2.94 11.77
CA ALA A 328 12.23 2.35 12.40
C ALA A 328 12.94 1.45 11.38
N SER A 329 14.26 1.35 11.52
CA SER A 329 15.00 0.35 10.79
C SER A 329 14.65 -1.03 11.34
N LYS A 330 14.94 -2.06 10.55
CA LYS A 330 14.63 -3.42 10.99
C LYS A 330 15.61 -4.42 10.38
C1 MPD B . 22.95 11.75 -3.14
C2 MPD B . 24.42 11.70 -2.77
O2 MPD B . 24.61 10.69 -1.74
CM MPD B . 24.86 13.06 -2.26
C3 MPD B . 25.23 11.35 -4.01
C4 MPD B . 26.34 10.36 -3.67
O4 MPD B . 26.13 9.18 -4.43
C5 MPD B . 27.73 10.93 -3.95
S DMS C . 28.36 5.19 -4.37
O DMS C . 27.88 4.30 -3.27
C1 DMS C . 28.25 6.92 -3.85
C2 DMS C . 27.18 5.15 -5.74
S DMS D . 17.10 -4.09 5.88
O DMS D . 17.68 -3.22 6.96
C1 DMS D . 16.02 -3.08 4.82
C2 DMS D . 15.85 -5.19 6.59
S DMS E . -6.28 -0.86 -16.64
O DMS E . -7.04 -1.36 -15.46
C1 DMS E . -5.05 0.34 -16.05
C2 DMS E . -7.37 0.22 -17.60
C4 D8V F . -1.63 9.79 -8.38
C5 D8V F . -1.97 9.04 -7.14
C6 D8V F . -2.58 7.35 -5.81
N1 D8V F . -2.32 7.77 -7.07
C7 D8V F . -2.44 8.33 -4.84
C8 D8V F . -2.99 5.93 -5.54
N2 D8V F . -2.61 3.45 -4.04
C9 D8V F . -1.85 4.95 -5.85
C10 D8V F . -2.23 3.54 -5.46
C11 D8V F . -3.76 4.32 -3.75
C12 D8V F . -3.43 5.76 -4.08
O D8V F . -4.11 5.58 -6.38
S D8V F . -1.97 9.78 -5.58
N D8V F . -2.70 10.71 -8.77
C D8V F . -3.95 9.97 -9.00
C1 D8V F . -2.32 11.50 -9.95
C2 D8V F . -1.91 10.71 -11.12
C3 D8V F . -1.58 10.10 -12.08
#